data_3ID0
#
_entry.id   3ID0
#
_cell.length_a   58.197
_cell.length_b   58.197
_cell.length_c   390.223
_cell.angle_alpha   90.000
_cell.angle_beta   90.000
_cell.angle_gamma   120.000
#
_symmetry.space_group_name_H-M   'P 61 2 2'
#
loop_
_entity.id
_entity.type
_entity.pdbx_description
1 polymer 'Farnesyl pyrophosphate synthase'
2 non-polymer 3-FLUORO-1-(2-HYDROXY-2,2-DIPHOSPHONOETHYL)PYRIDINIUM
3 non-polymer 'MAGNESIUM ION'
4 non-polymer 'SULFATE ION'
5 water water
#
_entity_poly.entity_id   1
_entity_poly.type   'polypeptide(L)'
_entity_poly.pdbx_seq_one_letter_code
;MASMERFLSVYDEVQAFLLDQLQSKYEIDPNRARYLRIMMDTTCLGGKYFRGMTVVNVAEGFLAVTQHDEATKERILHDA
CVGGWMIEFLQAHYLVEDDIMDGSVMRRGKPCWYRFPGVTTQCAINDGIILKSWTQIMAWHYFADRPFLKDLLCLFQKVD
YATAVGQMYDVTSMCDSNKLDPEVAQPMTTDFAEFTPAIYKRIVKYKTTFYTYLLPLVMGLFVSEAAASVEMNLVERVAH
LIGEYFQVQDDVMDCFTPPEQLGKVGTDIEDAKCSWLAVTFLGKANAAQVAEFKANYGDKDPAKVAVVKRLYSEANLQAD
FAAYEAEVVREVESLIEQLKVKSPTFAESVAVVWEKTHKRKK
;
_entity_poly.pdbx_strand_id   A
#
loop_
_chem_comp.id
_chem_comp.type
_chem_comp.name
_chem_comp.formula
MG non-polymer 'MAGNESIUM ION' 'Mg 2'
NI9 non-polymer 3-FLUORO-1-(2-HYDROXY-2,2-DIPHOSPHONOETHYL)PYRIDINIUM 'C7 H11 F N O7 P2 1'
SO4 non-polymer 'SULFATE ION' 'O4 S -2'
#
# COMPACT_ATOMS: atom_id res chain seq x y z
N MET A 1 -2.19 20.83 -6.89
CA MET A 1 -0.71 20.84 -7.13
C MET A 1 -0.41 20.60 -8.61
N ALA A 2 0.54 21.37 -9.14
CA ALA A 2 0.90 21.32 -10.56
C ALA A 2 1.62 20.03 -10.95
N SER A 3 2.45 19.51 -10.04
CA SER A 3 3.22 18.28 -10.27
C SER A 3 2.35 17.02 -10.39
N MET A 4 1.29 16.97 -9.60
CA MET A 4 0.31 15.87 -9.63
C MET A 4 -0.42 15.76 -10.97
N GLU A 5 -0.67 16.90 -11.62
CA GLU A 5 -1.32 16.92 -12.93
C GLU A 5 -0.40 16.46 -14.07
N ARG A 6 0.91 16.70 -13.92
CA ARG A 6 1.90 16.27 -14.90
C ARG A 6 2.12 14.75 -14.86
N PHE A 7 2.12 14.18 -13.66
CA PHE A 7 2.17 12.72 -13.44
C PHE A 7 0.95 12.05 -14.03
N LEU A 8 -0.21 12.68 -13.82
CA LEU A 8 -1.49 12.16 -14.28
C LEU A 8 -1.63 12.18 -15.80
N SER A 9 -0.80 12.98 -16.47
CA SER A 9 -0.81 13.10 -17.93
C SER A 9 -0.13 11.89 -18.57
N VAL A 10 0.85 11.31 -17.86
CA VAL A 10 1.54 10.11 -18.31
C VAL A 10 0.61 8.90 -18.18
N TYR A 11 -0.28 8.93 -17.18
CA TYR A 11 -1.35 7.94 -17.09
C TYR A 11 -2.16 7.84 -18.38
N ASP A 12 -2.58 9.00 -18.90
CA ASP A 12 -3.36 9.08 -20.14
C ASP A 12 -2.55 8.57 -21.31
N GLU A 13 -1.25 8.83 -21.26
CA GLU A 13 -0.30 8.35 -22.27
C GLU A 13 -0.10 6.83 -22.14
N VAL A 14 -0.12 6.34 -20.91
CA VAL A 14 0.00 4.91 -20.62
C VAL A 14 -1.29 4.17 -21.01
N GLN A 15 -2.44 4.74 -20.64
CA GLN A 15 -3.75 4.17 -20.92
C GLN A 15 -4.01 4.09 -22.42
N ALA A 16 -3.66 5.15 -23.14
CA ALA A 16 -3.83 5.18 -24.60
C ALA A 16 -2.98 4.10 -25.29
N PHE A 17 -1.75 3.91 -24.83
CA PHE A 17 -0.88 2.87 -25.38
C PHE A 17 -1.43 1.47 -25.08
N LEU A 18 -1.86 1.28 -23.84
CA LEU A 18 -2.40 -0.01 -23.40
C LEU A 18 -3.66 -0.42 -24.14
N LEU A 19 -4.50 0.55 -24.48
CA LEU A 19 -5.77 0.26 -25.13
C LEU A 19 -5.64 0.14 -26.64
N ASP A 20 -4.62 0.78 -27.19
CA ASP A 20 -4.36 0.69 -28.63
C ASP A 20 -3.72 -0.65 -28.95
N GLN A 21 -2.88 -1.12 -28.04
CA GLN A 21 -2.23 -2.41 -28.17
C GLN A 21 -3.27 -3.53 -28.16
N LEU A 22 -4.24 -3.41 -27.24
CA LEU A 22 -5.36 -4.34 -27.18
C LEU A 22 -6.12 -4.40 -28.50
N GLN A 23 -6.39 -3.24 -29.08
CA GLN A 23 -7.10 -3.15 -30.35
C GLN A 23 -6.28 -3.70 -31.51
N SER A 24 -5.00 -3.32 -31.56
CA SER A 24 -4.15 -3.66 -32.70
C SER A 24 -3.62 -5.09 -32.66
N LYS A 25 -3.29 -5.59 -31.48
CA LYS A 25 -2.63 -6.90 -31.36
C LYS A 25 -3.41 -7.99 -30.59
N TYR A 26 -4.52 -7.61 -29.96
CA TYR A 26 -5.31 -8.54 -29.15
C TYR A 26 -6.78 -8.62 -29.56
N GLU A 27 -7.12 -7.93 -30.64
CA GLU A 27 -8.43 -8.05 -31.32
C GLU A 27 -9.66 -7.66 -30.47
N ILE A 28 -9.47 -6.82 -29.47
CA ILE A 28 -10.56 -6.38 -28.59
C ILE A 28 -11.60 -5.52 -29.33
N ASP A 29 -12.88 -5.69 -28.98
CA ASP A 29 -13.97 -4.89 -29.53
C ASP A 29 -14.20 -3.61 -28.70
N PRO A 30 -14.69 -2.53 -29.34
CA PRO A 30 -14.88 -1.21 -28.71
C PRO A 30 -15.46 -1.24 -27.29
N ASN A 31 -16.52 -2.01 -27.09
CA ASN A 31 -17.17 -2.11 -25.79
C ASN A 31 -16.33 -2.74 -24.67
N ARG A 32 -15.54 -3.77 -25.02
CA ARG A 32 -14.63 -4.38 -24.07
C ARG A 32 -13.42 -3.48 -23.79
N ALA A 33 -12.99 -2.75 -24.82
CA ALA A 33 -11.98 -1.70 -24.64
C ALA A 33 -12.48 -0.60 -23.70
N ARG A 34 -13.73 -0.20 -23.88
CA ARG A 34 -14.40 0.76 -23.00
C ARG A 34 -14.45 0.25 -21.56
N TYR A 35 -14.83 -1.02 -21.39
CA TYR A 35 -14.93 -1.66 -20.07
C TYR A 35 -13.60 -1.58 -19.29
N LEU A 36 -12.52 -2.04 -19.91
CA LEU A 36 -11.19 -1.98 -19.29
C LEU A 36 -10.71 -0.55 -19.01
N ARG A 37 -11.05 0.38 -19.90
CA ARG A 37 -10.75 1.79 -19.65
C ARG A 37 -11.42 2.28 -18.37
N ILE A 38 -12.72 1.97 -18.21
CA ILE A 38 -13.46 2.26 -16.98
C ILE A 38 -12.84 1.53 -15.78
N MET A 39 -12.50 0.26 -15.98
CA MET A 39 -11.86 -0.56 -14.94
C MET A 39 -10.54 0.07 -14.52
N MET A 40 -9.75 0.52 -15.50
CA MET A 40 -8.46 1.14 -15.22
C MET A 40 -8.68 2.40 -14.39
N ASP A 41 -9.53 3.29 -14.89
CA ASP A 41 -9.82 4.56 -14.24
C ASP A 41 -10.33 4.40 -12.80
N THR A 42 -11.27 3.47 -12.59
CA THR A 42 -11.85 3.26 -11.26
C THR A 42 -10.85 2.70 -10.26
N THR A 43 -10.01 1.78 -10.71
CA THR A 43 -9.10 1.09 -9.82
C THR A 43 -7.82 1.86 -9.61
N CYS A 44 -7.30 2.46 -10.68
CA CYS A 44 -6.01 3.15 -10.63
C CYS A 44 -6.07 4.61 -10.19
N LEU A 45 -7.15 5.31 -10.53
CA LEU A 45 -7.31 6.73 -10.16
C LEU A 45 -8.20 6.94 -8.94
N GLY A 46 -8.14 8.16 -8.41
CA GLY A 46 -8.97 8.59 -7.28
C GLY A 46 -8.22 8.68 -5.98
N GLY A 47 -7.01 8.12 -5.97
CA GLY A 47 -6.23 8.05 -4.74
C GLY A 47 -5.38 9.26 -4.46
N LYS A 48 -4.59 9.17 -3.39
CA LYS A 48 -3.62 10.20 -3.07
C LYS A 48 -2.42 10.19 -4.04
N TYR A 49 -2.11 9.02 -4.60
CA TYR A 49 -0.94 8.81 -5.45
C TYR A 49 0.38 9.00 -4.70
N PHE A 50 0.36 8.80 -3.37
CA PHE A 50 1.56 8.84 -2.54
C PHE A 50 2.70 8.01 -3.12
N ARG A 51 2.37 6.80 -3.58
CA ARG A 51 3.37 5.85 -4.06
C ARG A 51 3.99 6.27 -5.40
N GLY A 52 3.15 6.74 -6.33
CA GLY A 52 3.61 7.26 -7.61
C GLY A 52 4.42 8.55 -7.48
N MET A 53 3.95 9.46 -6.63
CA MET A 53 4.61 10.76 -6.44
C MET A 53 5.92 10.68 -5.66
N THR A 54 6.17 9.55 -4.99
CA THR A 54 7.41 9.35 -4.24
C THR A 54 8.57 9.05 -5.20
N VAL A 55 8.31 8.25 -6.21
CA VAL A 55 9.33 7.93 -7.20
C VAL A 55 9.68 9.18 -8.03
N VAL A 56 8.72 10.09 -8.15
CA VAL A 56 8.92 11.36 -8.84
C VAL A 56 9.79 12.35 -8.04
N ASN A 57 9.49 12.53 -6.76
CA ASN A 57 10.23 13.49 -5.94
C ASN A 57 11.59 12.98 -5.43
N VAL A 58 11.80 11.67 -5.43
CA VAL A 58 13.14 11.09 -5.23
C VAL A 58 13.99 11.44 -6.45
N ALA A 59 13.42 11.23 -7.63
CA ALA A 59 14.08 11.53 -8.91
C ALA A 59 14.40 13.02 -9.09
N GLU A 60 13.42 13.88 -8.82
CA GLU A 60 13.61 15.33 -8.91
C GLU A 60 14.71 15.83 -7.98
N GLY A 61 14.78 15.25 -6.79
CA GLY A 61 15.83 15.57 -5.85
C GLY A 61 17.21 15.50 -6.47
N PHE A 62 17.50 14.37 -7.13
CA PHE A 62 18.79 14.18 -7.79
C PHE A 62 18.98 15.11 -8.99
N LEU A 63 17.90 15.35 -9.74
CA LEU A 63 17.94 16.24 -10.90
C LEU A 63 18.38 17.68 -10.59
N ALA A 64 18.07 18.16 -9.39
CA ALA A 64 18.44 19.50 -8.98
C ALA A 64 19.92 19.59 -8.66
N VAL A 65 20.53 18.45 -8.32
CA VAL A 65 21.94 18.41 -7.94
C VAL A 65 22.79 17.58 -8.90
N THR A 66 22.37 17.50 -10.16
CA THR A 66 23.09 16.72 -11.16
C THR A 66 23.04 17.39 -12.53
N GLN A 67 24.18 17.42 -13.20
CA GLN A 67 24.30 17.98 -14.54
C GLN A 67 23.70 17.01 -15.58
N HIS A 68 22.73 17.51 -16.33
CA HIS A 68 22.04 16.74 -17.36
C HIS A 68 21.59 17.68 -18.48
N ASP A 69 21.59 17.17 -19.72
CA ASP A 69 20.95 17.87 -20.85
C ASP A 69 19.45 17.99 -20.61
N GLU A 70 18.82 18.96 -21.26
CA GLU A 70 17.39 19.17 -21.13
C GLU A 70 16.60 17.91 -21.48
N ALA A 71 17.04 17.22 -22.52
CA ALA A 71 16.42 15.98 -22.98
C ALA A 71 16.52 14.85 -21.95
N THR A 72 17.64 14.77 -21.25
CA THR A 72 17.85 13.72 -20.25
C THR A 72 17.01 14.04 -19.02
N LYS A 73 17.06 15.29 -18.58
CA LYS A 73 16.20 15.77 -17.52
C LYS A 73 14.75 15.34 -17.79
N GLU A 74 14.30 15.57 -19.02
CA GLU A 74 12.94 15.23 -19.45
C GLU A 74 12.63 13.74 -19.45
N ARG A 75 13.59 12.92 -19.88
CA ARG A 75 13.42 11.47 -19.98
C ARG A 75 13.40 10.80 -18.60
N ILE A 76 14.21 11.32 -17.68
CA ILE A 76 14.26 10.83 -16.30
C ILE A 76 12.94 11.13 -15.58
N LEU A 77 12.39 12.33 -15.80
CA LEU A 77 11.08 12.72 -15.29
C LEU A 77 9.97 11.81 -15.82
N HIS A 78 10.02 11.54 -17.12
CA HIS A 78 9.09 10.64 -17.79
C HIS A 78 9.23 9.22 -17.23
N ASP A 79 10.46 8.76 -17.08
CA ASP A 79 10.73 7.45 -16.46
C ASP A 79 10.15 7.35 -15.05
N ALA A 80 10.27 8.44 -14.29
CA ALA A 80 9.75 8.51 -12.93
C ALA A 80 8.24 8.34 -12.89
N CYS A 81 7.56 8.80 -13.94
CA CYS A 81 6.11 8.72 -14.03
C CYS A 81 5.64 7.32 -14.36
N VAL A 82 6.32 6.67 -15.30
CA VAL A 82 6.00 5.30 -15.68
C VAL A 82 6.31 4.36 -14.49
N GLY A 83 7.42 4.59 -13.81
CA GLY A 83 7.74 3.87 -12.58
C GLY A 83 6.67 4.09 -11.53
N GLY A 84 6.19 5.33 -11.44
CA GLY A 84 5.13 5.70 -10.51
C GLY A 84 3.86 4.93 -10.80
N TRP A 85 3.48 4.87 -12.07
CA TRP A 85 2.25 4.22 -12.45
C TRP A 85 2.29 2.71 -12.29
N MET A 86 3.39 2.10 -12.69
CA MET A 86 3.62 0.69 -12.42
C MET A 86 3.25 0.36 -10.98
N ILE A 87 3.77 1.14 -10.04
CA ILE A 87 3.46 0.97 -8.62
C ILE A 87 1.97 1.19 -8.38
N GLU A 88 1.45 2.33 -8.87
CA GLU A 88 0.03 2.62 -8.74
C GLU A 88 -0.82 1.46 -9.26
N PHE A 89 -0.46 0.93 -10.43
CA PHE A 89 -1.15 -0.20 -11.03
C PHE A 89 -1.00 -1.49 -10.22
N LEU A 90 0.19 -1.67 -9.63
CA LEU A 90 0.48 -2.83 -8.79
C LEU A 90 -0.36 -2.81 -7.53
N GLN A 91 -0.57 -1.60 -6.99
CA GLN A 91 -1.43 -1.43 -5.82
C GLN A 91 -2.88 -1.68 -6.22
N ALA A 92 -3.29 -1.09 -7.34
CA ALA A 92 -4.63 -1.26 -7.86
C ALA A 92 -4.95 -2.75 -7.93
N HIS A 93 -4.02 -3.51 -8.49
CA HIS A 93 -4.10 -4.97 -8.52
C HIS A 93 -4.41 -5.54 -7.14
N TYR A 94 -3.61 -5.14 -6.15
CA TYR A 94 -3.76 -5.70 -4.80
C TYR A 94 -5.04 -5.28 -4.10
N LEU A 95 -5.44 -4.03 -4.29
CA LEU A 95 -6.69 -3.48 -3.74
C LEU A 95 -7.92 -4.28 -4.17
N VAL A 96 -8.03 -4.52 -5.47
CA VAL A 96 -9.13 -5.26 -6.08
C VAL A 96 -9.33 -6.62 -5.40
N GLU A 97 -8.23 -7.35 -5.23
CA GLU A 97 -8.24 -8.65 -4.56
C GLU A 97 -8.45 -8.51 -3.05
N ASP A 98 -7.77 -7.53 -2.45
CA ASP A 98 -7.96 -7.23 -1.03
C ASP A 98 -9.43 -7.00 -0.66
N ASP A 99 -10.17 -6.33 -1.56
CA ASP A 99 -11.55 -5.94 -1.29
C ASP A 99 -12.52 -7.13 -1.29
N ILE A 100 -12.27 -8.08 -2.19
CA ILE A 100 -13.03 -9.32 -2.24
C ILE A 100 -12.69 -10.18 -1.02
N MET A 101 -11.42 -10.14 -0.64
CA MET A 101 -10.91 -10.89 0.49
C MET A 101 -11.46 -10.38 1.82
N ASP A 102 -11.35 -9.07 2.03
CA ASP A 102 -11.80 -8.44 3.28
C ASP A 102 -13.31 -8.19 3.30
N GLY A 103 -13.97 -8.40 2.15
CA GLY A 103 -15.41 -8.22 2.03
C GLY A 103 -15.86 -6.78 2.18
N SER A 104 -15.06 -5.86 1.63
CA SER A 104 -15.29 -4.43 1.75
C SER A 104 -16.34 -3.93 0.77
N VAL A 105 -16.98 -2.81 1.11
CA VAL A 105 -18.09 -2.28 0.31
C VAL A 105 -17.75 -0.99 -0.43
N MET A 106 -16.65 -0.35 -0.06
CA MET A 106 -16.34 0.99 -0.56
C MET A 106 -14.84 1.28 -0.65
N ARG A 107 -14.38 1.66 -1.84
CA ARG A 107 -13.00 2.11 -2.04
C ARG A 107 -12.97 3.50 -2.68
N ARG A 108 -12.27 4.42 -2.01
CA ARG A 108 -12.09 5.81 -2.46
C ARG A 108 -13.42 6.57 -2.69
N GLY A 109 -14.43 6.23 -1.90
CA GLY A 109 -15.71 6.95 -1.96
C GLY A 109 -16.73 6.29 -2.87
N LYS A 110 -16.24 5.67 -3.94
CA LYS A 110 -17.09 4.84 -4.79
C LYS A 110 -17.23 3.42 -4.19
N PRO A 111 -18.15 2.60 -4.71
CA PRO A 111 -18.18 1.21 -4.27
C PRO A 111 -16.90 0.45 -4.65
N CYS A 112 -16.61 -0.62 -3.91
CA CYS A 112 -15.51 -1.52 -4.26
C CYS A 112 -15.72 -2.08 -5.65
N TRP A 113 -14.63 -2.27 -6.39
CA TRP A 113 -14.72 -2.64 -7.80
C TRP A 113 -15.65 -3.83 -8.03
N TYR A 114 -15.48 -4.89 -7.23
CA TYR A 114 -16.31 -6.09 -7.36
C TYR A 114 -17.81 -5.84 -7.05
N ARG A 115 -18.08 -4.76 -6.30
CA ARG A 115 -19.45 -4.37 -5.95
C ARG A 115 -20.16 -3.51 -7.01
N PHE A 116 -19.46 -3.17 -8.09
CA PHE A 116 -20.12 -2.51 -9.21
C PHE A 116 -21.11 -3.51 -9.82
N PRO A 117 -22.37 -3.09 -10.03
CA PRO A 117 -23.39 -4.02 -10.46
C PRO A 117 -22.96 -4.82 -11.69
N GLY A 118 -22.33 -4.14 -12.64
CA GLY A 118 -21.92 -4.79 -13.88
C GLY A 118 -20.58 -5.51 -13.85
N VAL A 119 -20.02 -5.69 -12.66
CA VAL A 119 -18.71 -6.35 -12.51
C VAL A 119 -18.80 -7.75 -11.89
N THR A 120 -19.25 -7.82 -10.63
CA THR A 120 -19.37 -9.09 -9.87
C THR A 120 -18.00 -9.69 -9.57
N THR A 121 -17.93 -10.55 -8.55
CA THR A 121 -16.63 -11.08 -8.09
C THR A 121 -15.89 -11.87 -9.18
N GLN A 122 -16.61 -12.54 -10.05
CA GLN A 122 -15.96 -13.40 -11.05
C GLN A 122 -15.14 -12.64 -12.11
N CYS A 123 -15.54 -11.41 -12.41
CA CYS A 123 -14.77 -10.56 -13.32
C CYS A 123 -13.62 -9.87 -12.60
N ALA A 124 -13.93 -9.37 -11.41
CA ALA A 124 -12.99 -8.59 -10.62
C ALA A 124 -11.66 -9.31 -10.42
N ILE A 125 -11.73 -10.61 -10.11
CA ILE A 125 -10.51 -11.42 -9.87
C ILE A 125 -9.58 -11.33 -11.06
N ASN A 126 -10.13 -11.54 -12.25
CA ASN A 126 -9.34 -11.41 -13.48
C ASN A 126 -8.93 -9.96 -13.75
N ASP A 127 -9.83 -9.01 -13.49
CA ASP A 127 -9.51 -7.60 -13.68
C ASP A 127 -8.25 -7.24 -12.91
N GLY A 128 -8.20 -7.64 -11.64
CA GLY A 128 -7.03 -7.44 -10.80
C GLY A 128 -5.78 -8.03 -11.44
N ILE A 129 -5.89 -9.27 -11.90
CA ILE A 129 -4.78 -9.96 -12.57
C ILE A 129 -4.24 -9.17 -13.78
N ILE A 130 -5.15 -8.58 -14.56
CA ILE A 130 -4.80 -7.73 -15.70
C ILE A 130 -4.06 -6.48 -15.24
N LEU A 131 -4.49 -5.92 -14.11
CA LEU A 131 -3.84 -4.75 -13.54
C LEU A 131 -2.36 -4.99 -13.27
N LYS A 132 -2.03 -6.20 -12.83
CA LYS A 132 -0.66 -6.59 -12.51
C LYS A 132 0.09 -6.85 -13.79
N SER A 133 -0.60 -7.49 -14.72
CA SER A 133 -0.06 -7.80 -16.03
C SER A 133 0.36 -6.52 -16.75
N TRP A 134 -0.49 -5.49 -16.65
CA TRP A 134 -0.21 -4.16 -17.22
C TRP A 134 1.14 -3.58 -16.78
N THR A 135 1.43 -3.67 -15.48
CA THR A 135 2.69 -3.18 -14.92
C THR A 135 3.91 -3.74 -15.66
N GLN A 136 3.84 -5.00 -16.06
CA GLN A 136 4.93 -5.63 -16.77
C GLN A 136 4.97 -5.20 -18.23
N ILE A 137 3.80 -5.00 -18.84
CA ILE A 137 3.73 -4.56 -20.24
C ILE A 137 4.34 -3.18 -20.39
N MET A 138 3.94 -2.27 -19.51
CA MET A 138 4.45 -0.90 -19.53
C MET A 138 5.89 -0.85 -19.04
N ALA A 139 6.37 -1.93 -18.43
CA ALA A 139 7.79 -2.03 -18.10
C ALA A 139 8.60 -2.38 -19.34
N TRP A 140 8.24 -3.48 -19.98
CA TRP A 140 8.96 -4.00 -21.14
C TRP A 140 8.89 -3.08 -22.36
N HIS A 141 7.84 -2.27 -22.44
CA HIS A 141 7.71 -1.29 -23.51
C HIS A 141 8.64 -0.12 -23.24
N TYR A 142 8.35 0.61 -22.17
CA TYR A 142 9.01 1.88 -21.88
C TYR A 142 10.47 1.75 -21.45
N PHE A 143 10.81 0.66 -20.79
CA PHE A 143 12.18 0.51 -20.29
C PHE A 143 13.02 -0.51 -21.06
N ALA A 144 12.64 -0.75 -22.31
CA ALA A 144 13.31 -1.76 -23.15
C ALA A 144 14.80 -1.46 -23.41
N ASP A 145 15.13 -0.17 -23.49
CA ASP A 145 16.50 0.26 -23.78
C ASP A 145 17.28 0.68 -22.52
N ARG A 146 16.58 0.75 -21.39
CA ARG A 146 17.17 1.32 -20.17
C ARG A 146 18.12 0.35 -19.45
N PRO A 147 19.29 0.85 -19.03
CA PRO A 147 20.23 0.07 -18.24
C PRO A 147 19.61 -0.55 -16.99
N PHE A 148 18.67 0.16 -16.37
CA PHE A 148 18.14 -0.26 -15.06
C PHE A 148 17.06 -1.35 -15.13
N LEU A 149 16.89 -1.94 -16.30
CA LEU A 149 15.77 -2.86 -16.55
C LEU A 149 15.81 -4.14 -15.72
N LYS A 150 16.83 -4.96 -15.93
CA LYS A 150 16.97 -6.21 -15.18
C LYS A 150 16.76 -5.96 -13.70
N ASP A 151 17.36 -4.88 -13.20
CA ASP A 151 17.32 -4.53 -11.79
C ASP A 151 15.94 -4.07 -11.31
N LEU A 152 15.21 -3.38 -12.18
CA LEU A 152 13.87 -2.90 -11.85
C LEU A 152 12.88 -4.05 -11.79
N LEU A 153 12.96 -4.94 -12.78
CA LEU A 153 12.08 -6.11 -12.86
C LEU A 153 12.31 -7.05 -11.69
N CYS A 154 13.57 -7.18 -11.29
CA CYS A 154 13.94 -8.08 -10.21
C CYS A 154 13.40 -7.59 -8.87
N LEU A 155 13.49 -6.28 -8.63
CA LEU A 155 12.97 -5.69 -7.40
C LEU A 155 11.45 -5.75 -7.39
N PHE A 156 10.85 -5.51 -8.56
CA PHE A 156 9.40 -5.50 -8.71
C PHE A 156 8.82 -6.86 -8.32
N GLN A 157 9.36 -7.89 -8.96
CA GLN A 157 9.04 -9.28 -8.67
C GLN A 157 9.10 -9.55 -7.16
N LYS A 158 10.23 -9.20 -6.55
CA LYS A 158 10.48 -9.51 -5.15
C LYS A 158 9.53 -8.77 -4.21
N VAL A 159 9.34 -7.48 -4.47
CA VAL A 159 8.41 -6.64 -3.73
C VAL A 159 6.99 -7.19 -3.84
N ASP A 160 6.62 -7.55 -5.07
CA ASP A 160 5.33 -8.19 -5.36
C ASP A 160 5.13 -9.50 -4.57
N TYR A 161 6.17 -10.35 -4.54
CA TYR A 161 6.11 -11.61 -3.82
C TYR A 161 5.89 -11.43 -2.32
N ALA A 162 6.63 -10.49 -1.74
CA ALA A 162 6.49 -10.17 -0.33
C ALA A 162 5.05 -9.77 -0.04
N THR A 163 4.47 -8.98 -0.94
CA THR A 163 3.10 -8.49 -0.77
C THR A 163 2.11 -9.65 -0.75
N ALA A 164 2.27 -10.59 -1.67
CA ALA A 164 1.41 -11.78 -1.71
C ALA A 164 1.58 -12.62 -0.44
N VAL A 165 2.82 -12.78 0.01
CA VAL A 165 3.12 -13.48 1.27
C VAL A 165 2.51 -12.76 2.47
N GLY A 166 2.65 -11.43 2.49
CA GLY A 166 2.07 -10.60 3.55
C GLY A 166 0.56 -10.71 3.58
N GLN A 167 -0.05 -10.69 2.40
CA GLN A 167 -1.50 -10.87 2.25
C GLN A 167 -1.96 -12.21 2.83
N MET A 168 -1.15 -13.25 2.59
CA MET A 168 -1.43 -14.59 3.09
C MET A 168 -1.42 -14.60 4.62
N TYR A 169 -0.43 -13.94 5.21
CA TYR A 169 -0.33 -13.82 6.67
C TYR A 169 -1.57 -13.14 7.27
N ASP A 170 -1.99 -12.06 6.61
CA ASP A 170 -3.06 -11.16 7.07
C ASP A 170 -4.44 -11.82 7.07
N VAL A 171 -4.76 -12.52 5.97
CA VAL A 171 -6.06 -13.16 5.81
C VAL A 171 -6.22 -14.40 6.72
N THR A 172 -5.12 -14.88 7.29
CA THR A 172 -5.14 -16.03 8.19
C THR A 172 -4.69 -15.61 9.60
N SER A 173 -4.81 -14.32 9.90
CA SER A 173 -4.34 -13.78 11.18
C SER A 173 -5.30 -14.03 12.33
N MET A 174 -6.55 -14.35 12.02
CA MET A 174 -7.55 -14.66 13.04
C MET A 174 -7.63 -16.17 13.29
N CYS A 175 -6.67 -16.90 12.74
CA CYS A 175 -6.61 -18.34 12.96
C CYS A 175 -5.50 -18.66 13.94
N ASP A 176 -5.57 -19.85 14.53
CA ASP A 176 -4.48 -20.38 15.32
C ASP A 176 -3.53 -21.09 14.37
N SER A 177 -2.26 -20.71 14.40
CA SER A 177 -1.23 -21.29 13.54
C SER A 177 -1.28 -22.82 13.48
N ASN A 178 -1.31 -23.45 14.66
CA ASN A 178 -1.29 -24.92 14.78
C ASN A 178 -2.55 -25.65 14.29
N LYS A 179 -3.63 -24.90 14.09
CA LYS A 179 -4.88 -25.48 13.63
C LYS A 179 -4.99 -25.49 12.09
N LEU A 180 -4.29 -24.59 11.42
CA LEU A 180 -4.27 -24.47 9.95
C LEU A 180 -4.17 -25.80 9.22
N ASP A 181 -5.24 -26.14 8.50
CA ASP A 181 -5.36 -27.42 7.83
C ASP A 181 -6.30 -27.22 6.65
N PRO A 182 -5.76 -27.20 5.42
CA PRO A 182 -6.54 -27.04 4.19
C PRO A 182 -7.77 -27.95 4.10
N GLU A 183 -7.78 -29.04 4.86
CA GLU A 183 -8.90 -29.98 4.85
C GLU A 183 -9.98 -29.70 5.91
N VAL A 184 -9.63 -28.99 6.97
CA VAL A 184 -10.59 -28.64 8.03
C VAL A 184 -10.87 -27.13 8.08
N ALA A 185 -12.16 -26.79 8.04
CA ALA A 185 -12.63 -25.39 8.07
C ALA A 185 -12.09 -24.61 9.28
N GLN A 186 -11.72 -23.36 9.03
CA GLN A 186 -10.95 -22.57 9.97
C GLN A 186 -11.79 -21.79 10.98
N PRO A 187 -11.67 -22.15 12.28
CA PRO A 187 -12.32 -21.37 13.32
C PRO A 187 -11.48 -20.18 13.78
N MET A 188 -12.15 -19.09 14.13
CA MET A 188 -11.52 -17.96 14.78
C MET A 188 -10.71 -18.41 15.99
N THR A 189 -9.66 -17.67 16.31
CA THR A 189 -8.94 -17.88 17.55
C THR A 189 -9.84 -17.49 18.73
N THR A 190 -9.85 -18.31 19.77
CA THR A 190 -10.60 -17.95 20.98
C THR A 190 -9.66 -17.36 22.02
N ASP A 191 -8.37 -17.67 21.89
CA ASP A 191 -7.34 -17.23 22.85
C ASP A 191 -6.56 -15.97 22.43
N PHE A 192 -6.55 -15.68 21.14
CA PHE A 192 -5.89 -14.48 20.58
C PHE A 192 -4.38 -14.41 20.87
N ALA A 193 -3.75 -15.58 21.01
CA ALA A 193 -2.34 -15.68 21.37
C ALA A 193 -1.39 -15.13 20.29
N GLU A 194 -1.89 -15.02 19.07
CA GLU A 194 -1.09 -14.47 17.98
C GLU A 194 -1.38 -12.98 17.73
N PHE A 195 -1.88 -12.31 18.76
CA PHE A 195 -2.08 -10.88 18.71
C PHE A 195 -0.98 -10.21 19.52
N THR A 196 0.25 -10.36 19.03
CA THR A 196 1.43 -9.76 19.66
C THR A 196 1.97 -8.67 18.75
N PRO A 197 2.71 -7.71 19.32
CA PRO A 197 3.43 -6.75 18.48
C PRO A 197 4.31 -7.45 17.45
N ALA A 198 5.05 -8.46 17.90
CA ALA A 198 5.92 -9.25 17.02
C ALA A 198 5.18 -9.77 15.80
N ILE A 199 4.12 -10.55 16.02
CA ILE A 199 3.35 -11.15 14.92
C ILE A 199 2.66 -10.10 14.04
N TYR A 200 2.21 -9.00 14.65
CA TYR A 200 1.64 -7.89 13.91
C TYR A 200 2.70 -7.21 13.04
N LYS A 201 3.90 -7.04 13.57
CA LYS A 201 4.99 -6.41 12.82
C LYS A 201 5.33 -7.25 11.61
N ARG A 202 5.37 -8.56 11.82
CA ARG A 202 5.65 -9.51 10.76
C ARG A 202 4.63 -9.34 9.62
N ILE A 203 3.34 -9.29 9.97
CA ILE A 203 2.27 -9.06 8.98
C ILE A 203 2.48 -7.77 8.17
N VAL A 204 2.51 -6.63 8.85
CA VAL A 204 2.60 -5.31 8.23
C VAL A 204 3.78 -5.22 7.26
N LYS A 205 4.94 -5.70 7.72
CA LYS A 205 6.19 -5.65 6.96
C LYS A 205 5.99 -6.14 5.54
N TYR A 206 5.52 -7.37 5.40
CA TYR A 206 5.41 -8.00 4.08
C TYR A 206 4.23 -7.50 3.25
N LYS A 207 3.11 -7.19 3.89
CA LYS A 207 1.92 -6.78 3.15
C LYS A 207 1.92 -5.30 2.77
N THR A 208 2.64 -4.48 3.53
CA THR A 208 2.60 -3.02 3.31
C THR A 208 3.94 -2.37 2.93
N THR A 209 4.97 -2.56 3.76
CA THR A 209 6.22 -1.78 3.67
C THR A 209 7.00 -1.92 2.36
N PHE A 210 6.95 -3.11 1.74
CA PHE A 210 7.68 -3.33 0.51
C PHE A 210 7.14 -2.52 -0.68
N TYR A 211 5.86 -2.64 -0.99
CA TYR A 211 5.28 -1.90 -2.13
C TYR A 211 4.99 -0.42 -1.85
N THR A 212 4.94 -0.04 -0.59
CA THR A 212 4.51 1.31 -0.23
C THR A 212 5.67 2.28 -0.04
N TYR A 213 6.78 1.79 0.49
CA TYR A 213 7.92 2.66 0.69
C TYR A 213 9.19 2.18 0.03
N LEU A 214 9.53 0.90 0.21
CA LEU A 214 10.73 0.37 -0.41
C LEU A 214 10.69 0.56 -1.91
N LEU A 215 9.63 0.07 -2.55
CA LEU A 215 9.55 0.09 -4.01
C LEU A 215 9.69 1.50 -4.63
N PRO A 216 8.85 2.49 -4.21
CA PRO A 216 8.99 3.81 -4.83
C PRO A 216 10.34 4.50 -4.57
N LEU A 217 10.88 4.36 -3.36
CA LEU A 217 12.14 5.00 -3.02
C LEU A 217 13.30 4.46 -3.84
N VAL A 218 13.36 3.14 -4.00
CA VAL A 218 14.41 2.51 -4.77
C VAL A 218 14.14 2.67 -6.27
N MET A 219 12.88 2.77 -6.65
CA MET A 219 12.54 2.98 -8.05
C MET A 219 12.93 4.38 -8.52
N GLY A 220 12.81 5.35 -7.62
CA GLY A 220 13.29 6.71 -7.87
C GLY A 220 14.80 6.69 -8.03
N LEU A 221 15.46 5.88 -7.22
CA LEU A 221 16.90 5.69 -7.31
C LEU A 221 17.30 5.05 -8.64
N PHE A 222 16.53 4.08 -9.11
CA PHE A 222 16.85 3.43 -10.38
C PHE A 222 16.72 4.38 -11.56
N VAL A 223 15.60 5.09 -11.64
CA VAL A 223 15.36 6.03 -12.74
C VAL A 223 16.41 7.16 -12.77
N SER A 224 16.93 7.51 -11.60
CA SER A 224 17.99 8.51 -11.47
C SER A 224 19.37 7.92 -11.72
N GLU A 225 19.48 6.59 -11.62
CA GLU A 225 20.75 5.85 -11.66
C GLU A 225 21.62 6.15 -10.43
N ALA A 226 20.98 6.24 -9.27
CA ALA A 226 21.63 6.68 -8.04
C ALA A 226 21.65 5.66 -6.90
N ALA A 227 21.40 4.40 -7.21
CA ALA A 227 21.39 3.32 -6.21
C ALA A 227 22.72 3.20 -5.49
N ALA A 228 23.80 3.46 -6.22
CA ALA A 228 25.16 3.35 -5.69
C ALA A 228 25.51 4.43 -4.66
N SER A 229 24.90 5.61 -4.80
CA SER A 229 25.20 6.74 -3.91
C SER A 229 24.68 6.54 -2.48
N VAL A 230 23.57 5.81 -2.33
CA VAL A 230 22.97 5.57 -1.01
C VAL A 230 23.32 4.18 -0.47
N GLU A 231 23.21 4.01 0.85
CA GLU A 231 23.39 2.70 1.46
C GLU A 231 22.04 1.98 1.54
N MET A 232 21.92 0.88 0.79
CA MET A 232 20.67 0.14 0.64
C MET A 232 20.10 -0.43 1.92
N ASN A 233 20.96 -0.72 2.90
CA ASN A 233 20.51 -1.24 4.19
C ASN A 233 19.73 -0.21 4.97
N LEU A 234 20.05 1.06 4.75
CA LEU A 234 19.33 2.16 5.38
C LEU A 234 17.96 2.35 4.72
N VAL A 235 17.92 2.26 3.40
CA VAL A 235 16.67 2.41 2.67
C VAL A 235 15.67 1.34 3.08
N GLU A 236 16.12 0.09 3.15
CA GLU A 236 15.30 -1.02 3.62
C GLU A 236 14.83 -0.75 5.06
N ARG A 237 15.72 -0.21 5.88
CA ARG A 237 15.40 0.11 7.28
C ARG A 237 14.42 1.26 7.45
N VAL A 238 14.60 2.32 6.66
CA VAL A 238 13.71 3.47 6.75
C VAL A 238 12.34 3.17 6.15
N ALA A 239 12.32 2.41 5.06
CA ALA A 239 11.07 2.08 4.36
C ALA A 239 10.19 1.15 5.19
N HIS A 240 10.80 0.25 5.94
CA HIS A 240 10.04 -0.66 6.78
C HIS A 240 9.49 0.04 8.02
N LEU A 241 10.12 1.13 8.42
CA LEU A 241 9.67 1.89 9.58
C LEU A 241 8.50 2.83 9.26
N ILE A 242 8.69 3.70 8.27
CA ILE A 242 7.61 4.57 7.79
C ILE A 242 6.44 3.73 7.29
N GLY A 243 6.77 2.59 6.68
CA GLY A 243 5.76 1.61 6.23
C GLY A 243 4.93 1.02 7.35
N GLU A 244 5.59 0.65 8.44
CA GLU A 244 4.91 0.16 9.64
C GLU A 244 3.95 1.23 10.12
N TYR A 245 4.47 2.46 10.28
CA TYR A 245 3.66 3.59 10.70
C TYR A 245 2.44 3.80 9.79
N PHE A 246 2.68 3.81 8.47
CA PHE A 246 1.61 4.01 7.50
C PHE A 246 0.47 3.02 7.67
N GLN A 247 0.80 1.79 8.03
CA GLN A 247 -0.21 0.76 8.25
C GLN A 247 -0.88 0.91 9.60
N VAL A 248 -0.12 1.36 10.60
CA VAL A 248 -0.70 1.65 11.91
C VAL A 248 -1.76 2.75 11.78
N GLN A 249 -1.43 3.81 11.03
CA GLN A 249 -2.40 4.86 10.67
C GLN A 249 -3.66 4.27 10.05
N ASP A 250 -3.48 3.42 9.04
CA ASP A 250 -4.59 2.78 8.32
C ASP A 250 -5.53 2.01 9.25
N ASP A 251 -4.98 1.47 10.33
CA ASP A 251 -5.73 0.66 11.28
C ASP A 251 -6.64 1.50 12.19
N VAL A 252 -6.11 2.63 12.66
CA VAL A 252 -6.86 3.51 13.54
C VAL A 252 -7.95 4.22 12.72
N MET A 253 -7.60 4.60 11.50
CA MET A 253 -8.54 5.21 10.56
C MET A 253 -9.75 4.30 10.27
N ASP A 254 -9.51 3.00 10.25
CA ASP A 254 -10.56 1.98 10.00
C ASP A 254 -11.66 2.07 11.06
N CYS A 255 -11.25 2.23 12.31
CA CYS A 255 -12.18 2.25 13.45
C CYS A 255 -12.75 3.65 13.73
N PHE A 256 -11.89 4.65 13.82
CA PHE A 256 -12.29 5.96 14.32
C PHE A 256 -12.48 7.09 13.30
N THR A 257 -12.15 6.86 12.03
CA THR A 257 -12.34 7.88 11.00
C THR A 257 -13.62 7.65 10.20
N PRO A 258 -14.51 8.67 10.14
CA PRO A 258 -15.78 8.58 9.44
C PRO A 258 -15.60 8.30 7.95
N PRO A 259 -16.39 7.36 7.38
CA PRO A 259 -16.29 6.91 5.99
C PRO A 259 -16.27 8.05 4.97
N GLU A 260 -17.11 9.07 5.19
CA GLU A 260 -17.18 10.23 4.29
C GLU A 260 -15.81 10.90 4.12
N GLN A 261 -15.08 11.03 5.22
CA GLN A 261 -13.71 11.52 5.20
C GLN A 261 -12.74 10.45 4.66
N LEU A 262 -12.87 9.23 5.15
CA LEU A 262 -11.94 8.13 4.84
C LEU A 262 -12.05 7.66 3.40
N GLY A 263 -13.28 7.59 2.91
CA GLY A 263 -13.56 7.01 1.61
C GLY A 263 -13.73 5.49 1.71
N LYS A 264 -13.52 4.96 2.91
CA LYS A 264 -13.64 3.51 3.18
C LYS A 264 -14.57 3.22 4.35
N VAL A 265 -15.31 2.12 4.24
CA VAL A 265 -16.11 1.64 5.38
C VAL A 265 -15.28 0.60 6.13
N GLY A 266 -15.11 0.81 7.43
CA GLY A 266 -14.36 -0.10 8.30
C GLY A 266 -14.82 -1.54 8.19
N THR A 267 -13.89 -2.47 8.43
CA THR A 267 -14.17 -3.90 8.26
C THR A 267 -13.33 -4.80 9.18
N ASP A 268 -12.31 -4.23 9.81
CA ASP A 268 -11.36 -4.98 10.63
C ASP A 268 -12.02 -5.75 11.76
N ILE A 269 -12.77 -5.05 12.61
CA ILE A 269 -13.42 -5.65 13.78
C ILE A 269 -14.32 -6.83 13.39
N GLU A 270 -15.14 -6.62 12.36
CA GLU A 270 -16.08 -7.61 11.85
C GLU A 270 -15.38 -8.83 11.25
N ASP A 271 -14.12 -8.64 10.85
CA ASP A 271 -13.32 -9.68 10.22
C ASP A 271 -12.34 -10.31 11.19
N ALA A 272 -12.29 -9.76 12.40
CA ALA A 272 -11.36 -10.20 13.44
C ALA A 272 -9.90 -10.09 12.99
N LYS A 273 -9.59 -9.02 12.29
CA LYS A 273 -8.23 -8.79 11.78
C LYS A 273 -7.25 -8.51 12.91
N CYS A 274 -6.01 -8.95 12.73
CA CYS A 274 -4.96 -8.66 13.70
C CYS A 274 -4.45 -7.22 13.50
N SER A 275 -5.31 -6.26 13.84
CA SER A 275 -4.98 -4.85 13.64
C SER A 275 -4.19 -4.31 14.82
N TRP A 276 -3.53 -3.17 14.61
CA TRP A 276 -2.78 -2.51 15.66
C TRP A 276 -3.62 -2.20 16.91
N LEU A 277 -4.90 -1.87 16.69
CA LEU A 277 -5.82 -1.54 17.79
C LEU A 277 -6.12 -2.77 18.65
N ALA A 278 -6.51 -3.85 17.99
CA ALA A 278 -6.72 -5.12 18.68
C ALA A 278 -5.49 -5.53 19.47
N VAL A 279 -4.32 -5.45 18.85
CA VAL A 279 -3.06 -5.87 19.50
C VAL A 279 -2.67 -4.97 20.67
N THR A 280 -2.75 -3.66 20.46
CA THR A 280 -2.44 -2.65 21.48
C THR A 280 -3.40 -2.72 22.67
N PHE A 281 -4.69 -2.91 22.38
CA PHE A 281 -5.71 -3.08 23.41
C PHE A 281 -5.37 -4.26 24.31
N LEU A 282 -5.21 -5.44 23.70
CA LEU A 282 -4.81 -6.64 24.40
C LEU A 282 -3.48 -6.45 25.13
N GLY A 283 -2.67 -5.52 24.63
CA GLY A 283 -1.38 -5.17 25.23
C GLY A 283 -1.44 -4.41 26.55
N LYS A 284 -2.62 -3.89 26.90
CA LYS A 284 -2.80 -3.11 28.14
C LYS A 284 -4.07 -3.42 28.94
N ALA A 285 -5.05 -4.06 28.30
CA ALA A 285 -6.34 -4.36 28.92
C ALA A 285 -6.21 -5.32 30.11
N ASN A 286 -7.16 -5.23 31.04
CA ASN A 286 -7.22 -6.14 32.19
C ASN A 286 -8.08 -7.36 31.90
N ALA A 287 -8.25 -8.22 32.91
CA ALA A 287 -8.96 -9.49 32.76
C ALA A 287 -10.43 -9.34 32.33
N ALA A 288 -11.15 -8.40 32.95
CA ALA A 288 -12.55 -8.14 32.60
C ALA A 288 -12.69 -7.53 31.20
N GLN A 289 -11.79 -6.59 30.88
CA GLN A 289 -11.71 -5.98 29.54
C GLN A 289 -11.42 -7.02 28.44
N VAL A 290 -10.43 -7.88 28.69
CA VAL A 290 -10.03 -8.91 27.73
C VAL A 290 -11.20 -9.87 27.42
N ALA A 291 -11.84 -10.37 28.48
CA ALA A 291 -12.94 -11.34 28.35
C ALA A 291 -14.12 -10.80 27.53
N GLU A 292 -14.44 -9.52 27.73
CA GLU A 292 -15.51 -8.84 27.00
C GLU A 292 -15.11 -8.64 25.53
N PHE A 293 -13.82 -8.39 25.30
CA PHE A 293 -13.28 -8.27 23.94
C PHE A 293 -13.41 -9.61 23.21
N LYS A 294 -13.03 -10.69 23.90
CA LYS A 294 -13.11 -12.05 23.36
C LYS A 294 -14.54 -12.43 22.95
N ALA A 295 -15.52 -11.98 23.72
CA ALA A 295 -16.93 -12.33 23.48
C ALA A 295 -17.62 -11.46 22.43
N ASN A 296 -16.89 -10.48 21.88
CA ASN A 296 -17.45 -9.50 20.95
C ASN A 296 -16.76 -9.34 19.59
N TYR A 297 -15.45 -9.61 19.55
CA TYR A 297 -14.64 -9.42 18.35
C TYR A 297 -14.95 -10.45 17.26
N GLY A 298 -14.94 -9.99 16.01
CA GLY A 298 -15.08 -10.88 14.86
C GLY A 298 -16.49 -11.08 14.32
N ASP A 299 -17.43 -10.27 14.79
CA ASP A 299 -18.82 -10.37 14.36
C ASP A 299 -19.29 -9.14 13.58
N LYS A 300 -20.15 -9.37 12.59
CA LYS A 300 -20.71 -8.29 11.78
C LYS A 300 -21.87 -7.62 12.51
N ASP A 301 -22.16 -8.07 13.73
CA ASP A 301 -23.27 -7.58 14.53
C ASP A 301 -22.99 -6.18 15.06
N PRO A 302 -23.75 -5.17 14.56
CA PRO A 302 -23.56 -3.76 14.89
C PRO A 302 -23.39 -3.48 16.39
N ALA A 303 -24.07 -4.27 17.22
CA ALA A 303 -23.96 -4.15 18.67
C ALA A 303 -22.60 -4.65 19.18
N LYS A 304 -22.16 -5.81 18.70
CA LYS A 304 -20.86 -6.35 19.08
C LYS A 304 -19.69 -5.48 18.58
N VAL A 305 -19.85 -4.92 17.38
CA VAL A 305 -18.88 -3.95 16.85
C VAL A 305 -18.80 -2.71 17.74
N ALA A 306 -19.96 -2.21 18.18
CA ALA A 306 -20.05 -1.01 19.03
C ALA A 306 -19.42 -1.22 20.41
N VAL A 307 -19.61 -2.41 20.96
CA VAL A 307 -19.03 -2.82 22.25
C VAL A 307 -17.49 -2.80 22.16
N VAL A 308 -16.97 -3.21 21.01
CA VAL A 308 -15.52 -3.21 20.77
C VAL A 308 -14.99 -1.79 20.60
N LYS A 309 -15.68 -0.97 19.81
CA LYS A 309 -15.29 0.42 19.60
C LYS A 309 -15.30 1.21 20.91
N ARG A 310 -16.23 0.87 21.78
CA ARG A 310 -16.27 1.44 23.13
C ARG A 310 -15.11 0.92 23.99
N LEU A 311 -14.78 -0.35 23.83
CA LEU A 311 -13.65 -0.96 24.55
C LEU A 311 -12.33 -0.31 24.16
N TYR A 312 -12.21 0.03 22.88
CA TYR A 312 -11.04 0.74 22.38
C TYR A 312 -10.94 2.16 22.94
N SER A 313 -12.07 2.88 22.95
CA SER A 313 -12.13 4.26 23.43
C SER A 313 -11.81 4.36 24.92
N GLU A 314 -12.33 3.40 25.69
CA GLU A 314 -12.14 3.37 27.14
C GLU A 314 -10.69 3.07 27.49
N ALA A 315 -10.07 2.16 26.73
CA ALA A 315 -8.69 1.75 26.97
C ALA A 315 -7.68 2.85 26.62
N ASN A 316 -8.21 4.02 26.26
CA ASN A 316 -7.39 5.21 25.98
C ASN A 316 -6.28 4.90 24.98
N LEU A 317 -6.70 4.47 23.78
CA LEU A 317 -5.76 3.97 22.77
C LEU A 317 -5.00 5.08 22.06
N GLN A 318 -5.64 6.24 21.90
CA GLN A 318 -5.00 7.40 21.27
C GLN A 318 -3.91 8.01 22.17
N ALA A 319 -3.75 7.47 23.37
CA ALA A 319 -2.59 7.77 24.22
C ALA A 319 -1.42 6.88 23.81
N ASP A 320 -1.73 5.60 23.57
CA ASP A 320 -0.72 4.63 23.16
C ASP A 320 -0.19 4.92 21.76
N PHE A 321 -1.05 5.46 20.90
CA PHE A 321 -0.68 5.83 19.54
C PHE A 321 0.31 7.01 19.50
N ALA A 322 0.06 8.00 20.36
CA ALA A 322 0.96 9.16 20.48
C ALA A 322 2.34 8.80 21.04
N ALA A 323 2.41 7.74 21.85
CA ALA A 323 3.68 7.25 22.39
C ALA A 323 4.44 6.42 21.37
N TYR A 324 3.71 5.76 20.47
CA TYR A 324 4.29 5.00 19.36
C TYR A 324 4.80 5.96 18.29
N GLU A 325 3.99 6.97 17.98
CA GLU A 325 4.34 8.02 17.01
C GLU A 325 5.60 8.79 17.44
N ALA A 326 5.69 9.10 18.74
CA ALA A 326 6.84 9.80 19.31
C ALA A 326 8.13 9.01 19.13
N GLU A 327 8.04 7.69 19.32
CA GLU A 327 9.19 6.80 19.19
C GLU A 327 9.59 6.60 17.71
N VAL A 328 8.61 6.66 16.82
CA VAL A 328 8.89 6.55 15.37
C VAL A 328 9.53 7.82 14.82
N VAL A 329 9.06 8.98 15.27
CA VAL A 329 9.66 10.27 14.87
C VAL A 329 11.15 10.27 15.21
N ARG A 330 11.48 9.80 16.41
CA ARG A 330 12.87 9.65 16.83
C ARG A 330 13.66 8.82 15.82
N GLU A 331 13.16 7.62 15.54
CA GLU A 331 13.87 6.64 14.73
C GLU A 331 13.91 7.00 13.24
N VAL A 332 12.93 7.78 12.79
CA VAL A 332 12.92 8.28 11.41
C VAL A 332 13.90 9.45 11.26
N GLU A 333 13.88 10.39 12.21
CA GLU A 333 14.88 11.45 12.28
C GLU A 333 16.27 10.82 12.22
N SER A 334 16.55 9.93 13.17
CA SER A 334 17.76 9.11 13.19
C SER A 334 18.21 8.60 11.82
N LEU A 335 17.33 7.86 11.16
CA LEU A 335 17.67 7.26 9.88
C LEU A 335 17.84 8.29 8.77
N ILE A 336 17.03 9.35 8.79
CA ILE A 336 17.23 10.46 7.86
C ILE A 336 18.59 11.12 8.12
N GLU A 337 18.95 11.27 9.39
CA GLU A 337 20.26 11.78 9.79
C GLU A 337 21.39 10.92 9.24
N GLN A 338 21.21 9.59 9.36
CA GLN A 338 22.17 8.62 8.82
C GLN A 338 22.30 8.71 7.30
N LEU A 339 21.19 9.00 6.63
CA LEU A 339 21.16 9.09 5.16
C LEU A 339 21.85 10.32 4.57
N LYS A 340 22.08 11.34 5.40
CA LYS A 340 22.78 12.55 4.99
C LYS A 340 24.26 12.31 4.69
N VAL A 341 24.85 11.33 5.37
CA VAL A 341 26.26 10.99 5.22
C VAL A 341 26.67 10.84 3.75
N LYS A 342 25.89 10.08 2.98
CA LYS A 342 26.23 9.80 1.58
C LYS A 342 25.34 10.52 0.56
N SER A 343 24.08 10.78 0.91
CA SER A 343 23.10 11.33 -0.05
C SER A 343 22.11 12.30 0.59
N PRO A 344 22.50 13.58 0.67
CA PRO A 344 21.65 14.61 1.30
C PRO A 344 20.33 14.85 0.55
N THR A 345 20.35 14.60 -0.76
CA THR A 345 19.23 14.88 -1.65
C THR A 345 18.14 13.81 -1.49
N PHE A 346 18.56 12.58 -1.23
CA PHE A 346 17.66 11.47 -0.97
C PHE A 346 17.19 11.53 0.49
N ALA A 347 18.05 12.05 1.37
CA ALA A 347 17.72 12.20 2.79
C ALA A 347 16.55 13.17 2.99
N GLU A 348 16.56 14.27 2.27
CA GLU A 348 15.43 15.21 2.28
C GLU A 348 14.19 14.57 1.66
N SER A 349 14.36 13.87 0.53
CA SER A 349 13.25 13.17 -0.09
C SER A 349 12.51 12.33 0.94
N VAL A 350 13.25 11.63 1.79
CA VAL A 350 12.68 10.82 2.86
C VAL A 350 12.07 11.69 3.97
N ALA A 351 12.69 12.85 4.22
CA ALA A 351 12.15 13.82 5.17
C ALA A 351 10.79 14.34 4.71
N VAL A 352 10.64 14.49 3.39
CA VAL A 352 9.39 14.96 2.80
C VAL A 352 8.33 13.85 2.79
N VAL A 353 8.74 12.63 2.43
CA VAL A 353 7.85 11.46 2.43
C VAL A 353 7.28 11.19 3.83
N TRP A 354 8.16 11.21 4.82
CA TRP A 354 7.75 11.05 6.21
C TRP A 354 6.76 12.14 6.63
N GLU A 355 7.04 13.38 6.22
CA GLU A 355 6.18 14.51 6.54
C GLU A 355 4.76 14.30 6.01
N LYS A 356 4.64 13.91 4.74
CA LYS A 356 3.33 13.73 4.12
C LYS A 356 2.53 12.58 4.74
N THR A 357 3.24 11.53 5.14
CA THR A 357 2.64 10.36 5.78
C THR A 357 2.18 10.69 7.21
N HIS A 358 3.09 11.26 7.99
CA HIS A 358 2.83 11.67 9.37
C HIS A 358 1.69 12.70 9.48
N LYS A 359 1.25 13.23 8.33
CA LYS A 359 0.23 14.29 8.25
C LYS A 359 -1.15 13.83 7.73
N ARG A 360 -1.20 12.66 7.11
CA ARG A 360 -2.39 12.20 6.38
C ARG A 360 -3.64 12.02 7.25
N LYS A 361 -4.80 12.15 6.62
CA LYS A 361 -6.08 11.99 7.29
C LYS A 361 -6.90 10.88 6.62
N LYS A 362 -6.67 10.70 5.32
CA LYS A 362 -7.36 9.66 4.53
C LYS A 362 -6.39 8.69 3.86
C1 NI9 B . -5.57 -2.21 3.40
O1 NI9 B . -6.61 0.18 2.88
O2 NI9 B . -4.51 -1.54 4.09
C2 NI9 B . -5.18 -2.42 1.94
O3 NI9 B . -8.00 -1.87 2.46
C3 NI9 B . -4.14 -4.24 0.78
P1 NI9 B . -5.93 -3.72 4.35
P2 NI9 B . -7.06 -1.16 3.40
O4 NI9 B . -7.39 -4.00 4.07
O5 NI9 B . -7.48 -1.14 4.86
O6 NI9 B . -5.65 -3.21 5.74
O7 NI9 B . -4.99 -4.83 3.92
N NI9 B . -4.01 -3.27 1.70
F NI9 B . -3.23 -6.05 -0.44
C4 NI9 B . -1.86 -4.91 1.13
C5 NI9 B . -2.84 -3.08 2.35
C6 NI9 B . -1.75 -3.90 2.09
C7 NI9 B . -3.08 -5.08 0.47
MG MG C . -9.43 -4.35 2.69
MG MG D . -6.97 -1.39 7.53
MG MG E . -6.28 -6.83 3.88
S SO4 F . 5.98 -3.25 -27.84
O1 SO4 F . 6.95 -2.80 -28.82
O2 SO4 F . 4.68 -2.66 -28.13
O3 SO4 F . 6.40 -2.84 -26.50
O4 SO4 F . 5.86 -4.71 -27.89
S SO4 G . -3.66 6.19 -1.85
O1 SO4 G . -2.46 6.80 -2.43
O2 SO4 G . -4.76 7.15 -1.82
O3 SO4 G . -3.37 5.78 -0.48
O4 SO4 G . -4.07 5.01 -2.62
#